data_6NEM
#
_entry.id   6NEM
#
_cell.length_a   87.505
_cell.length_b   100.996
_cell.length_c   66.204
_cell.angle_alpha   90.000
_cell.angle_beta   90.000
_cell.angle_gamma   90.000
#
_symmetry.space_group_name_H-M   'C 2 2 21'
#
loop_
_entity.id
_entity.type
_entity.pdbx_description
1 polymer 'Polymerase acidic protein'
2 non-polymer 'MANGANESE (II) ION'
3 non-polymer 3-hydroxy-5-[(naphthalen-1-yl)methyl]-6-[4-(1H-tetrazol-5-yl)phenyl]pyridin-2(1H)-one
4 non-polymer 'SULFATE ION'
5 water water
#
_entity_poly.entity_id   1
_entity_poly.type   'polypeptide(L)'
_entity_poly.pdbx_seq_one_letter_code
;MAHHHHHHSRAWRHPQFGGHHHHHHALEVLFQGPLGSMEDFVRQCFNPMIVELAEKAMKEYGEDPKIETNKFAAICTHLE
VCFMYSDFHFIDERGESIIVESGDPNALLKHRFEIIEGRDRIMAWTVVNSICNTTGVEKPKFLPDLYDYKENRFIEIGVT
RREVHIYYLEKANKIKSEKTHIHIFSFTGEEMATKADYTLDEESRARIKTRLFTIRQEMASRSLWDSFRQSERGEETVEE
R
;
_entity_poly.pdbx_strand_id   A
#
loop_
_chem_comp.id
_chem_comp.type
_chem_comp.name
_chem_comp.formula
KKS non-polymer 3-hydroxy-5-[(naphthalen-1-yl)methyl]-6-[4-(1H-tetrazol-5-yl)phenyl]pyridin-2(1H)-one 'C23 H17 N5 O2'
MN non-polymer 'MANGANESE (II) ION' 'Mn 2'
SO4 non-polymer 'SULFATE ION' 'O4 S -2'
#
# COMPACT_ATOMS: atom_id res chain seq x y z
N GLY A 33 28.23 -10.71 -6.37
CA GLY A 33 28.70 -9.80 -5.28
C GLY A 33 28.38 -10.35 -3.90
N PRO A 34 28.78 -9.63 -2.85
CA PRO A 34 28.49 -10.10 -1.49
C PRO A 34 27.00 -10.08 -1.20
N LEU A 35 26.57 -10.97 -0.30
CA LEU A 35 25.18 -11.00 0.15
C LEU A 35 24.99 -10.04 1.32
N GLY A 36 24.09 -9.09 1.15
CA GLY A 36 23.79 -8.16 2.21
C GLY A 36 22.80 -8.76 3.20
N SER A 37 22.45 -7.97 4.18
CA SER A 37 21.38 -8.36 5.09
C SER A 37 20.10 -7.62 4.71
N MET A 38 18.99 -8.36 4.66
CA MET A 38 17.72 -7.71 4.35
C MET A 38 17.37 -6.67 5.41
N GLU A 39 17.75 -6.90 6.68
CA GLU A 39 17.43 -5.89 7.69
C GLU A 39 18.16 -4.59 7.38
N ASP A 40 19.44 -4.68 7.00
CA ASP A 40 20.16 -3.48 6.61
C ASP A 40 19.46 -2.76 5.45
N PHE A 41 19.10 -3.51 4.41
CA PHE A 41 18.36 -2.94 3.29
C PHE A 41 17.12 -2.19 3.76
N VAL A 42 16.29 -2.83 4.60
CA VAL A 42 15.05 -2.21 5.05
C VAL A 42 15.32 -0.91 5.77
N ARG A 43 16.32 -0.89 6.65
CA ARG A 43 16.54 0.28 7.46
C ARG A 43 17.20 1.37 6.66
N GLN A 44 17.96 0.99 5.63
CA GLN A 44 18.66 1.98 4.81
C GLN A 44 17.80 2.53 3.70
N CYS A 45 16.74 1.86 3.32
CA CYS A 45 16.05 2.16 2.09
C CYS A 45 14.59 2.54 2.25
N PHE A 46 13.97 2.34 3.42
CA PHE A 46 12.65 2.82 3.73
C PHE A 46 12.76 3.96 4.74
N ASN A 47 11.85 4.89 4.61
CA ASN A 47 11.73 6.00 5.56
C ASN A 47 11.60 5.47 6.98
N PRO A 48 12.21 6.12 7.99
CA PRO A 48 12.13 5.58 9.36
C PRO A 48 10.72 5.40 9.88
N MET A 49 9.78 6.23 9.46
CA MET A 49 8.41 6.06 9.94
C MET A 49 7.79 4.79 9.40
N ILE A 50 8.03 4.50 8.12
CA ILE A 50 7.54 3.25 7.55
C ILE A 50 8.14 2.06 8.29
N VAL A 51 9.46 2.09 8.50
CA VAL A 51 10.14 1.00 9.17
C VAL A 51 9.57 0.80 10.58
N GLU A 52 9.34 1.91 11.28
CA GLU A 52 8.84 1.83 12.64
C GLU A 52 7.43 1.25 12.66
N LEU A 53 6.55 1.69 11.78
CA LEU A 53 5.18 1.17 11.78
C LEU A 53 5.17 -0.33 11.47
N ALA A 54 5.93 -0.75 10.46
CA ALA A 54 6.11 -2.18 10.17
C ALA A 54 6.69 -2.95 11.36
N GLU A 55 7.73 -2.41 12.00
CA GLU A 55 8.35 -3.11 13.14
C GLU A 55 7.37 -3.28 14.28
N LYS A 56 6.69 -2.22 14.66
CA LYS A 56 5.72 -2.30 15.77
C LYS A 56 4.65 -3.36 15.47
N ALA A 57 4.09 -3.33 14.26
CA ALA A 57 3.03 -4.26 13.93
C ALA A 57 3.51 -5.71 13.97
N MET A 58 4.68 -5.99 13.39
CA MET A 58 5.17 -7.37 13.46
C MET A 58 5.35 -7.79 14.90
N LYS A 59 5.93 -6.92 15.73
CA LYS A 59 6.23 -7.26 17.11
C LYS A 59 4.97 -7.57 17.89
N GLU A 60 3.92 -6.76 17.71
CA GLU A 60 2.67 -7.04 18.39
C GLU A 60 2.11 -8.38 17.95
N TYR A 61 2.37 -8.77 16.71
CA TYR A 61 1.87 -10.00 16.14
C TYR A 61 2.73 -11.21 16.47
N GLY A 62 3.74 -11.06 17.34
CA GLY A 62 4.62 -12.17 17.71
C GLY A 62 5.69 -12.52 16.69
N GLU A 63 5.81 -11.78 15.60
CA GLU A 63 6.81 -12.05 14.58
C GLU A 63 8.00 -11.10 14.73
N ASP A 64 9.22 -11.65 14.75
CA ASP A 64 10.40 -10.83 14.96
C ASP A 64 10.89 -10.30 13.62
N PRO A 65 10.94 -8.97 13.41
CA PRO A 65 11.45 -8.47 12.15
C PRO A 65 12.94 -8.78 11.93
N LYS A 66 13.68 -9.08 13.00
CA LYS A 66 15.09 -9.47 12.86
C LYS A 66 15.23 -10.88 12.30
N ILE A 67 14.17 -11.68 12.33
CA ILE A 67 14.18 -13.04 11.82
C ILE A 67 13.38 -13.13 10.52
N GLU A 68 12.13 -12.64 10.54
CA GLU A 68 11.26 -12.69 9.37
C GLU A 68 11.50 -11.44 8.55
N THR A 69 12.71 -11.39 7.98
CA THR A 69 13.20 -10.17 7.35
C THR A 69 12.60 -9.98 5.97
N ASN A 70 12.40 -11.07 5.23
CA ASN A 70 11.74 -10.93 3.93
C ASN A 70 10.33 -10.44 4.14
N LYS A 71 9.65 -10.94 5.17
CA LYS A 71 8.32 -10.41 5.49
C LYS A 71 8.40 -8.94 5.91
N PHE A 72 9.38 -8.61 6.77
CA PHE A 72 9.64 -7.22 7.14
C PHE A 72 9.71 -6.31 5.90
N ALA A 73 10.53 -6.69 4.90
CA ALA A 73 10.67 -5.84 3.72
C ALA A 73 9.37 -5.78 2.90
N ALA A 74 8.64 -6.89 2.80
CA ALA A 74 7.37 -6.92 2.08
C ALA A 74 6.30 -6.04 2.76
N ILE A 75 6.26 -6.04 4.09
CA ILE A 75 5.32 -5.21 4.84
C ILE A 75 5.69 -3.74 4.69
N CYS A 76 6.99 -3.44 4.67
CA CYS A 76 7.37 -2.06 4.45
C CYS A 76 7.00 -1.60 3.03
N THR A 77 7.24 -2.45 2.05
CA THR A 77 6.94 -2.15 0.65
C THR A 77 5.44 -1.89 0.47
N HIS A 78 4.60 -2.77 1.02
CA HIS A 78 3.16 -2.59 0.94
C HIS A 78 2.73 -1.31 1.61
N LEU A 79 3.24 -1.04 2.82
CA LEU A 79 2.85 0.20 3.51
C LEU A 79 3.26 1.42 2.69
N GLU A 80 4.45 1.38 2.09
CA GLU A 80 4.91 2.50 1.29
C GLU A 80 4.03 2.70 0.06
N VAL A 81 3.61 1.61 -0.58
CA VAL A 81 2.69 1.71 -1.71
C VAL A 81 1.38 2.35 -1.27
N CYS A 82 0.88 2.01 -0.07
CA CYS A 82 -0.34 2.65 0.44
C CYS A 82 -0.17 4.16 0.58
N PHE A 83 0.96 4.58 1.13
CA PHE A 83 1.23 6.00 1.28
C PHE A 83 1.39 6.66 -0.08
N MET A 84 2.14 6.03 -0.99
CA MET A 84 2.34 6.63 -2.31
C MET A 84 1.04 6.72 -3.11
N TYR A 85 0.10 5.80 -2.87
CA TYR A 85 -1.16 5.83 -3.60
C TYR A 85 -1.94 7.06 -3.20
N SER A 86 -1.78 7.47 -1.94
CA SER A 86 -2.55 8.55 -1.35
C SER A 86 -1.87 9.90 -1.51
N ASP A 87 -0.54 9.90 -1.56
CA ASP A 87 0.28 11.09 -1.77
C ASP A 87 -0.25 12.00 -2.86
N PHE A 88 -0.36 13.28 -2.52
CA PHE A 88 -0.53 14.38 -3.48
C PHE A 88 -1.95 14.52 -3.97
N HIS A 89 -2.87 13.67 -3.54
CA HIS A 89 -4.21 13.60 -4.11
C HIS A 89 -5.17 14.30 -3.14
N PHE A 90 -5.83 15.34 -3.63
CA PHE A 90 -6.72 16.15 -2.83
C PHE A 90 -8.05 16.28 -3.54
N ILE A 91 -9.06 16.68 -2.77
CA ILE A 91 -10.35 17.16 -3.29
C ILE A 91 -10.35 18.67 -3.15
N ASP A 92 -10.65 19.38 -4.23
CA ASP A 92 -10.45 20.81 -4.29
C ASP A 92 -11.61 21.54 -3.60
N GLU A 93 -11.61 22.88 -3.70
CA GLU A 93 -12.65 23.69 -3.09
C GLU A 93 -14.02 23.37 -3.68
N ARG A 94 -14.04 22.96 -4.95
CA ARG A 94 -15.24 22.60 -5.70
C ARG A 94 -15.60 21.12 -5.62
N GLY A 95 -14.74 20.28 -5.03
CA GLY A 95 -15.04 18.87 -4.90
C GLY A 95 -14.46 17.96 -5.97
N GLU A 96 -13.69 18.49 -6.93
CA GLU A 96 -13.00 17.66 -7.92
C GLU A 96 -11.65 17.19 -7.37
N SER A 97 -11.14 16.09 -7.94
CA SER A 97 -9.87 15.50 -7.50
C SER A 97 -8.74 16.18 -8.25
N ILE A 98 -7.74 16.65 -7.52
CA ILE A 98 -6.60 17.36 -8.09
C ILE A 98 -5.32 16.84 -7.46
N ILE A 99 -4.22 17.04 -8.17
CA ILE A 99 -2.90 16.57 -7.74
C ILE A 99 -2.07 17.79 -7.37
N VAL A 100 -1.52 17.80 -6.18
CA VAL A 100 -0.70 18.91 -5.69
C VAL A 100 0.57 18.31 -5.12
N GLU A 101 1.67 18.41 -5.88
CA GLU A 101 2.94 17.85 -5.45
C GLU A 101 3.81 18.87 -4.72
N SER A 102 3.56 20.15 -4.93
CA SER A 102 4.33 21.20 -4.27
C SER A 102 4.22 21.01 -2.76
N GLY A 103 4.92 21.85 -1.99
CA GLY A 103 4.92 21.67 -0.56
C GLY A 103 3.68 22.18 0.12
N ASP A 104 2.99 23.14 -0.48
CA ASP A 104 1.85 23.78 0.17
C ASP A 104 0.56 23.41 -0.56
N PRO A 105 -0.23 22.46 -0.04
CA PRO A 105 -1.61 22.30 -0.54
C PRO A 105 -2.48 23.34 0.14
N ASN A 106 -3.15 24.16 -0.68
CA ASN A 106 -3.95 25.25 -0.15
C ASN A 106 -4.86 24.74 0.94
N ALA A 107 -5.11 25.59 1.95
CA ALA A 107 -5.67 25.14 3.23
C ALA A 107 -7.05 24.51 3.09
N LEU A 108 -7.79 24.86 2.04
CA LEU A 108 -9.15 24.39 1.84
C LEU A 108 -9.25 23.04 1.14
N LEU A 109 -8.13 22.52 0.63
CA LEU A 109 -8.12 21.20 0.02
C LEU A 109 -8.25 20.12 1.07
N LYS A 110 -8.96 19.06 0.73
CA LYS A 110 -9.08 17.89 1.58
C LYS A 110 -8.30 16.74 0.97
N HIS A 111 -7.64 15.94 1.82
CA HIS A 111 -6.98 14.73 1.37
C HIS A 111 -8.00 13.82 0.71
N ARG A 112 -7.66 13.31 -0.47
CA ARG A 112 -8.60 12.47 -1.21
C ARG A 112 -8.81 11.13 -0.52
N PHE A 113 -7.76 10.57 0.08
CA PHE A 113 -7.80 9.25 0.69
C PHE A 113 -7.65 9.30 2.19
N GLU A 114 -8.36 8.41 2.86
CA GLU A 114 -8.04 8.02 4.22
C GLU A 114 -7.12 6.81 4.17
N ILE A 115 -6.07 6.81 5.00
CA ILE A 115 -5.15 5.68 5.10
C ILE A 115 -5.53 4.86 6.32
N ILE A 116 -5.87 3.60 6.10
CA ILE A 116 -6.25 2.71 7.20
C ILE A 116 -5.10 1.80 7.60
N GLU A 117 -4.37 1.30 6.59
CA GLU A 117 -3.14 0.53 6.84
C GLU A 117 -2.12 1.35 7.61
N GLY A 118 -1.38 0.65 8.48
CA GLY A 118 -0.39 1.27 9.30
C GLY A 118 -0.88 1.70 10.67
N ARG A 119 -2.15 1.56 10.96
CA ARG A 119 -2.73 1.96 12.23
C ARG A 119 -2.88 0.69 13.07
N ASP A 120 -2.76 0.81 14.37
CA ASP A 120 -3.08 -0.38 15.13
C ASP A 120 -4.58 -0.70 14.97
N ARG A 121 -4.96 -1.91 15.39
CA ARG A 121 -6.28 -2.46 15.09
C ARG A 121 -7.40 -1.57 15.63
N ILE A 122 -7.23 -1.06 16.84
CA ILE A 122 -8.25 -0.21 17.46
C ILE A 122 -8.44 1.05 16.62
N MET A 123 -7.35 1.72 16.31
CA MET A 123 -7.47 2.98 15.57
C MET A 123 -7.98 2.71 14.17
N ALA A 124 -7.52 1.62 13.54
CA ALA A 124 -7.99 1.31 12.20
C ALA A 124 -9.49 1.10 12.16
N TRP A 125 -10.03 0.31 13.07
CA TRP A 125 -11.50 0.12 13.04
C TRP A 125 -12.22 1.40 13.44
N THR A 126 -11.63 2.19 14.34
CA THR A 126 -12.24 3.46 14.70
C THR A 126 -12.39 4.34 13.46
N VAL A 127 -11.35 4.41 12.65
CA VAL A 127 -11.40 5.19 11.41
C VAL A 127 -12.43 4.59 10.43
N VAL A 128 -12.43 3.27 10.28
CA VAL A 128 -13.38 2.65 9.38
C VAL A 128 -14.80 2.96 9.82
N ASN A 129 -15.08 2.85 11.13
CA ASN A 129 -16.39 3.24 11.65
C ASN A 129 -16.70 4.70 11.36
N SER A 130 -15.74 5.59 11.57
CA SER A 130 -16.03 7.00 11.33
C SER A 130 -16.37 7.24 9.85
N ILE A 131 -15.61 6.62 8.95
CA ILE A 131 -15.87 6.77 7.51
C ILE A 131 -17.27 6.32 7.18
N CYS A 132 -17.61 5.11 7.61
CA CYS A 132 -18.92 4.56 7.31
C CYS A 132 -20.03 5.44 7.86
N ASN A 133 -19.80 6.14 8.97
CA ASN A 133 -20.85 7.04 9.47
C ASN A 133 -20.90 8.32 8.63
N THR A 134 -19.74 8.90 8.35
CA THR A 134 -19.70 10.10 7.51
C THR A 134 -20.31 9.85 6.14
N THR A 135 -19.95 8.74 5.49
CA THR A 135 -20.31 8.54 4.09
C THR A 135 -21.50 7.61 3.88
N GLY A 136 -21.82 6.75 4.86
CA GLY A 136 -22.85 5.75 4.67
C GLY A 136 -22.41 4.50 3.94
N VAL A 137 -21.17 4.43 3.45
CA VAL A 137 -20.67 3.20 2.83
C VAL A 137 -20.73 2.04 3.82
N GLU A 138 -20.96 0.83 3.32
CA GLU A 138 -21.11 -0.26 4.26
C GLU A 138 -19.75 -0.69 4.80
N LYS A 139 -19.79 -1.28 5.96
CA LYS A 139 -18.61 -1.59 6.76
C LYS A 139 -17.97 -2.87 6.23
N PRO A 140 -16.67 -2.87 5.97
CA PRO A 140 -16.03 -4.08 5.48
C PRO A 140 -15.81 -5.13 6.56
N LYS A 141 -15.56 -6.36 6.11
CA LYS A 141 -15.39 -7.48 7.03
C LYS A 141 -13.97 -7.55 7.58
N PHE A 142 -13.00 -7.16 6.77
CA PHE A 142 -11.59 -7.07 7.14
C PHE A 142 -11.14 -5.65 6.90
N LEU A 143 -10.16 -5.21 7.67
CA LEU A 143 -9.58 -3.90 7.44
C LEU A 143 -9.07 -3.78 6.04
N PRO A 144 -9.55 -2.83 5.27
CA PRO A 144 -8.91 -2.47 4.01
C PRO A 144 -7.75 -1.53 4.23
N ASP A 145 -7.13 -1.07 3.15
CA ASP A 145 -5.95 -0.23 3.22
C ASP A 145 -6.22 1.27 3.10
N LEU A 146 -7.18 1.66 2.29
CA LEU A 146 -7.49 3.06 2.03
C LEU A 146 -8.99 3.23 1.89
N TYR A 147 -9.46 4.46 2.07
CA TYR A 147 -10.77 4.87 1.62
C TYR A 147 -10.62 6.05 0.66
N ASP A 148 -11.31 5.97 -0.46
CA ASP A 148 -11.28 6.95 -1.55
C ASP A 148 -12.50 7.85 -1.40
N TYR A 149 -12.32 9.12 -1.01
CA TYR A 149 -13.49 9.99 -0.86
C TYR A 149 -14.07 10.42 -2.20
N LYS A 150 -13.33 10.32 -3.30
CA LYS A 150 -13.91 10.70 -4.60
C LYS A 150 -14.78 9.57 -5.14
N GLU A 151 -14.24 8.36 -5.19
CA GLU A 151 -14.95 7.21 -5.71
C GLU A 151 -15.86 6.57 -4.67
N ASN A 152 -15.77 7.01 -3.41
CA ASN A 152 -16.65 6.54 -2.33
C ASN A 152 -16.56 5.02 -2.16
N ARG A 153 -15.35 4.55 -1.92
CA ARG A 153 -15.18 3.12 -1.74
C ARG A 153 -13.87 2.86 -0.98
N PHE A 154 -13.84 1.77 -0.23
CA PHE A 154 -12.58 1.27 0.34
C PHE A 154 -11.76 0.59 -0.74
N ILE A 155 -10.44 0.60 -0.53
CA ILE A 155 -9.47 0.01 -1.47
C ILE A 155 -8.61 -0.99 -0.70
N GLU A 156 -8.44 -2.19 -1.26
CA GLU A 156 -7.43 -3.15 -0.80
C GLU A 156 -6.26 -3.10 -1.76
N ILE A 157 -5.09 -2.74 -1.23
CA ILE A 157 -3.85 -2.71 -2.01
C ILE A 157 -3.15 -4.02 -1.86
N GLY A 158 -2.64 -4.55 -2.96
CA GLY A 158 -1.76 -5.72 -2.90
C GLY A 158 -0.48 -5.46 -3.65
N VAL A 159 0.62 -5.99 -3.14
CA VAL A 159 1.91 -5.97 -3.84
C VAL A 159 2.43 -7.38 -3.85
N THR A 160 2.74 -7.89 -5.04
CA THR A 160 3.16 -9.28 -5.14
C THR A 160 4.40 -9.45 -6.00
N ARG A 161 5.13 -10.53 -5.68
CA ARG A 161 6.25 -11.06 -6.43
C ARG A 161 5.85 -12.20 -7.35
N ARG A 162 4.60 -12.66 -7.28
CA ARG A 162 4.06 -13.72 -8.13
C ARG A 162 3.21 -13.08 -9.23
N GLU A 163 2.40 -13.91 -9.90
CA GLU A 163 1.51 -13.42 -10.95
C GLU A 163 0.37 -12.63 -10.33
N VAL A 164 0.03 -11.50 -10.94
CA VAL A 164 -0.98 -10.62 -10.35
C VAL A 164 -2.34 -11.28 -10.37
N HIS A 165 -2.66 -12.04 -11.42
CA HIS A 165 -4.02 -12.57 -11.54
C HIS A 165 -4.27 -13.60 -10.46
N ILE A 166 -3.28 -14.43 -10.14
CA ILE A 166 -3.43 -15.39 -9.06
C ILE A 166 -3.51 -14.67 -7.73
N TYR A 167 -2.67 -13.66 -7.54
CA TYR A 167 -2.75 -12.87 -6.31
C TYR A 167 -4.07 -12.13 -6.22
N TYR A 168 -4.58 -11.61 -7.35
CA TYR A 168 -5.85 -10.89 -7.34
C TYR A 168 -6.98 -11.78 -6.85
N LEU A 169 -7.05 -13.02 -7.39
CA LEU A 169 -8.13 -13.91 -7.02
C LEU A 169 -8.05 -14.30 -5.55
N GLU A 170 -6.85 -14.55 -5.04
CA GLU A 170 -6.71 -14.81 -3.62
C GLU A 170 -7.30 -13.67 -2.79
N LYS A 171 -6.91 -12.43 -3.09
CA LYS A 171 -7.43 -11.30 -2.32
C LYS A 171 -8.94 -11.22 -2.44
N ALA A 172 -9.47 -11.33 -3.66
CA ALA A 172 -10.90 -11.25 -3.87
C ALA A 172 -11.63 -12.32 -3.09
N ASN A 173 -11.06 -13.53 -3.05
CA ASN A 173 -11.71 -14.63 -2.37
C ASN A 173 -11.61 -14.50 -0.85
N LYS A 174 -10.57 -13.85 -0.34
CA LYS A 174 -10.48 -13.61 1.10
C LYS A 174 -11.57 -12.64 1.54
N ILE A 175 -11.65 -11.49 0.89
CA ILE A 175 -12.54 -10.43 1.37
C ILE A 175 -13.93 -10.55 0.75
N LYS A 176 -14.02 -10.67 -0.58
CA LYS A 176 -15.30 -10.73 -1.27
C LYS A 176 -16.29 -9.72 -0.70
N SER A 177 -15.79 -8.55 -0.28
CA SER A 177 -16.69 -7.50 0.16
C SER A 177 -17.52 -6.97 -1.00
N GLU A 178 -17.00 -7.11 -2.22
CA GLU A 178 -17.69 -6.74 -3.46
C GLU A 178 -18.16 -5.29 -3.47
N LYS A 179 -17.76 -4.50 -2.48
CA LYS A 179 -17.71 -3.06 -2.62
C LYS A 179 -16.31 -2.54 -2.43
N THR A 180 -15.45 -3.26 -1.71
CA THR A 180 -14.03 -2.92 -1.59
C THR A 180 -13.34 -3.13 -2.92
N HIS A 181 -12.76 -2.07 -3.44
CA HIS A 181 -12.01 -2.12 -4.68
C HIS A 181 -10.63 -2.71 -4.43
N ILE A 182 -10.17 -3.57 -5.34
CA ILE A 182 -8.87 -4.23 -5.20
C ILE A 182 -7.93 -3.68 -6.27
N HIS A 183 -6.73 -3.33 -5.85
CA HIS A 183 -5.70 -2.85 -6.76
C HIS A 183 -4.38 -3.55 -6.44
N ILE A 184 -3.87 -4.32 -7.40
CA ILE A 184 -2.69 -5.17 -7.22
C ILE A 184 -1.55 -4.58 -8.03
N PHE A 185 -0.38 -4.49 -7.42
CA PHE A 185 0.84 -4.14 -8.12
C PHE A 185 1.82 -5.30 -8.00
N SER A 186 2.68 -5.43 -8.98
CA SER A 186 3.78 -6.38 -8.94
C SER A 186 5.09 -5.63 -8.97
N PHE A 187 6.20 -6.35 -8.87
CA PHE A 187 7.49 -5.70 -8.95
C PHE A 187 7.99 -5.48 -10.38
N THR A 188 7.26 -5.96 -11.39
CA THR A 188 7.66 -5.85 -12.78
C THR A 188 6.69 -5.00 -13.60
N GLY A 189 5.88 -4.16 -12.95
CA GLY A 189 5.07 -3.21 -13.68
C GLY A 189 3.65 -3.66 -13.96
N GLU A 190 3.35 -4.95 -13.80
CA GLU A 190 2.00 -5.42 -14.03
C GLU A 190 1.08 -4.92 -12.91
N GLU A 191 -0.17 -4.64 -13.27
CA GLU A 191 -1.19 -4.27 -12.31
C GLU A 191 -2.47 -5.01 -12.63
N MET A 192 -3.34 -5.14 -11.64
CA MET A 192 -4.68 -5.65 -11.89
CA MET A 192 -4.67 -5.65 -11.89
C MET A 192 -5.60 -5.00 -10.89
N ALA A 193 -6.70 -4.43 -11.40
CA ALA A 193 -7.61 -3.73 -10.53
C ALA A 193 -9.03 -4.13 -10.88
N THR A 194 -9.87 -4.07 -9.86
CA THR A 194 -11.27 -4.46 -9.96
C THR A 194 -11.93 -3.75 -11.13
N LYS A 195 -12.56 -4.55 -11.99
CA LYS A 195 -13.36 -4.07 -13.12
C LYS A 195 -12.54 -3.21 -14.08
N ALA A 196 -11.22 -3.47 -14.13
CA ALA A 196 -10.30 -2.72 -14.99
C ALA A 196 -10.39 -1.21 -14.72
N ASP A 197 -10.73 -0.87 -13.48
CA ASP A 197 -10.86 0.51 -13.01
C ASP A 197 -9.67 0.81 -12.10
N TYR A 198 -8.75 1.66 -12.57
CA TYR A 198 -7.44 1.81 -11.94
C TYR A 198 -7.33 3.00 -11.00
N THR A 199 -8.41 3.77 -10.81
CA THR A 199 -8.55 4.82 -9.80
C THR A 199 -7.69 6.05 -10.11
N LEU A 200 -6.39 5.86 -10.16
CA LEU A 200 -5.39 6.91 -10.34
C LEU A 200 -4.95 7.01 -11.80
N ASP A 201 -4.41 8.19 -12.12
CA ASP A 201 -3.78 8.52 -13.39
C ASP A 201 -2.51 7.68 -13.59
N GLU A 202 -2.02 7.66 -14.83
CA GLU A 202 -0.86 6.84 -15.14
C GLU A 202 0.42 7.35 -14.48
N GLU A 203 0.55 8.67 -14.27
CA GLU A 203 1.76 9.20 -13.64
C GLU A 203 1.85 8.75 -12.19
N SER A 204 0.75 8.79 -11.43
CA SER A 204 0.82 8.33 -10.04
C SER A 204 1.15 6.83 -9.96
N ARG A 205 0.52 6.03 -10.81
CA ARG A 205 0.83 4.62 -10.80
C ARG A 205 2.25 4.36 -11.30
N ALA A 206 2.77 5.24 -12.15
CA ALA A 206 4.15 5.04 -12.60
C ALA A 206 5.15 5.33 -11.47
N ARG A 207 4.85 6.32 -10.63
CA ARG A 207 5.66 6.59 -9.44
C ARG A 207 5.75 5.33 -8.62
N ILE A 208 4.61 4.71 -8.34
CA ILE A 208 4.60 3.48 -7.54
C ILE A 208 5.39 2.40 -8.23
N LYS A 209 5.21 2.23 -9.55
CA LYS A 209 5.89 1.14 -10.24
C LYS A 209 7.38 1.40 -10.30
N THR A 210 7.76 2.67 -10.47
CA THR A 210 9.18 3.01 -10.49
C THR A 210 9.82 2.70 -9.15
N ARG A 211 9.10 2.99 -8.04
CA ARG A 211 9.62 2.70 -6.70
C ARG A 211 9.79 1.19 -6.52
N LEU A 212 8.79 0.41 -6.95
CA LEU A 212 8.89 -1.05 -6.84
C LEU A 212 10.07 -1.58 -7.65
N PHE A 213 10.27 -1.04 -8.85
N PHE A 213 10.30 -1.02 -8.84
CA PHE A 213 11.43 -1.41 -9.65
CA PHE A 213 11.45 -1.44 -9.63
C PHE A 213 12.73 -1.09 -8.90
C PHE A 213 12.75 -1.09 -8.92
N THR A 214 12.78 0.08 -8.26
CA THR A 214 14.00 0.47 -7.55
C THR A 214 14.25 -0.47 -6.39
N ILE A 215 13.20 -0.84 -5.66
CA ILE A 215 13.36 -1.81 -4.57
C ILE A 215 13.91 -3.13 -5.11
N ARG A 216 13.30 -3.66 -6.17
CA ARG A 216 13.76 -4.94 -6.67
C ARG A 216 15.21 -4.86 -7.16
N GLN A 217 15.56 -3.75 -7.79
CA GLN A 217 16.91 -3.61 -8.34
C GLN A 217 17.94 -3.53 -7.21
N GLU A 218 17.63 -2.78 -6.16
CA GLU A 218 18.58 -2.66 -5.06
C GLU A 218 18.70 -3.97 -4.29
N MET A 219 17.58 -4.68 -4.07
CA MET A 219 17.66 -6.00 -3.49
C MET A 219 18.55 -6.89 -4.33
N ALA A 220 18.39 -6.82 -5.65
CA ALA A 220 19.17 -7.68 -6.53
C ALA A 220 20.66 -7.32 -6.49
N SER A 221 21.00 -6.03 -6.39
CA SER A 221 22.41 -5.67 -6.26
C SER A 221 23.01 -6.21 -4.96
N ARG A 222 22.20 -6.32 -3.90
CA ARG A 222 22.66 -6.87 -2.63
C ARG A 222 22.51 -8.40 -2.56
N SER A 223 22.11 -9.02 -3.66
CA SER A 223 21.83 -10.44 -3.77
C SER A 223 20.77 -10.89 -2.76
N LEU A 224 19.78 -10.02 -2.51
CA LEU A 224 18.67 -10.33 -1.61
C LEU A 224 17.42 -10.76 -2.35
N TRP A 225 17.39 -10.52 -3.67
CA TRP A 225 16.10 -10.58 -4.38
C TRP A 225 15.63 -12.01 -4.49
N ASP A 226 16.54 -12.95 -4.77
CA ASP A 226 16.17 -14.34 -4.96
C ASP A 226 15.40 -14.86 -3.76
N SER A 227 15.99 -14.76 -2.56
CA SER A 227 15.31 -15.19 -1.35
C SER A 227 14.02 -14.40 -1.13
N PHE A 228 14.01 -13.12 -1.50
CA PHE A 228 12.80 -12.32 -1.27
C PHE A 228 11.66 -12.76 -2.19
N ARG A 229 11.94 -12.90 -3.49
CA ARG A 229 10.90 -13.28 -4.45
C ARG A 229 10.26 -14.62 -4.10
N GLN A 230 11.09 -15.64 -3.87
CA GLN A 230 10.57 -16.98 -3.62
C GLN A 230 9.98 -17.13 -2.23
N SER A 231 10.18 -16.15 -1.34
CA SER A 231 9.64 -16.20 0.01
C SER A 231 8.14 -15.92 0.09
N GLU A 232 7.50 -15.50 -0.99
CA GLU A 232 6.05 -15.28 -0.96
C GLU A 232 5.32 -16.60 -1.20
MN MN B . -3.24 -4.64 1.45
MN MN C . -3.98 -3.73 4.95
MN MN D . -2.55 17.84 4.88
C10 KKS E . 1.64 -7.68 11.38
C11 KKS E . 0.56 -8.43 11.09
C12 KKS E . -0.01 -8.40 9.79
O01 KKS E . -3.05 -5.12 3.56
C02 KKS E . -1.98 -5.82 3.86
C03 KKS E . -1.33 -5.85 5.08
C04 KKS E . -0.17 -6.69 5.19
C05 KKS E . 0.57 -6.73 6.43
C06 KKS E . -0.03 -7.57 7.52
C07 KKS E . 0.54 -7.59 8.78
C08 KKS E . 1.67 -6.84 9.11
C09 KKS E . 2.22 -6.88 10.36
C13 KKS E . -1.18 -9.17 9.51
C14 KKS E . -1.72 -9.16 8.26
C15 KKS E . -1.15 -8.33 7.26
C16 KKS E . 0.19 -7.45 4.09
C17 KKS E . 1.31 -8.38 3.96
C18 KKS E . 1.53 -9.41 4.91
C19 KKS E . 2.62 -10.28 4.74
C20 KKS E . 3.48 -10.10 3.62
C21 KKS E . 4.60 -11.03 3.44
N22 KKS E . 4.95 -12.05 4.34
N23 KKS E . 6.04 -12.73 3.82
N24 KKS E . 6.32 -12.18 2.70
N25 KKS E . 5.46 -11.14 2.39
C26 KKS E . 3.24 -9.07 2.67
C27 KKS E . 2.16 -8.22 2.85
N28 KKS E . -0.49 -7.42 2.89
C29 KKS E . -1.60 -6.62 2.70
O30 KKS E . -2.15 -6.66 1.61
H101 KKS E . 2.10 -7.70 12.37
H111 KKS E . 0.10 -9.05 11.86
H011 KKS E . -3.67 -5.69 3.11
H031 KKS E . -1.64 -5.24 5.91
H052 KKS E . 1.60 -7.09 6.26
H051 KKS E . 0.68 -5.68 6.80
H081 KKS E . 2.13 -6.21 8.34
H091 KKS E . 3.10 -6.28 10.62
H131 KKS E . -1.61 -9.80 10.30
H141 KKS E . -2.61 -9.75 8.03
H151 KKS E . -1.61 -8.34 6.26
H181 KKS E . 0.86 -9.53 5.77
H191 KKS E . 2.80 -11.08 5.47
H221 KKS E . 4.53 -12.29 5.22
H261 KKS E . 3.90 -8.94 1.80
H271 KKS E . 1.97 -7.43 2.13
H281 KKS E . -0.19 -7.99 2.11
S SO4 F . 13.20 -15.23 6.06
O1 SO4 F . 14.52 -14.74 6.41
O2 SO4 F . 12.71 -16.21 7.06
O3 SO4 F . 12.34 -14.04 6.00
O4 SO4 F . 13.18 -15.90 4.74
#